data_8FHF
#
_entry.id   8FHF
#
_cell.length_a   91.635
_cell.length_b   60.695
_cell.length_c   117.076
_cell.angle_alpha   90.00
_cell.angle_beta   102.51
_cell.angle_gamma   90.00
#
_symmetry.space_group_name_H-M   'C 1 2 1'
#
loop_
_entity.id
_entity.type
_entity.pdbx_description
1 polymer 'Peroxisome proliferator-activated receptor gamma'
2 non-polymer N-(4-carbamoylphenyl)-2-chloro-5-nitrobenzamide
3 non-polymer 'nonanoic acid'
4 water water
#
_entity_poly.entity_id   1
_entity_poly.type   'polypeptide(L)'
_entity_poly.pdbx_seq_one_letter_code
;QLNPESADLRALAKHLYDSYIKSFPLTKAKARAILTGKTTDKSPFVIYDMNSLMMGEDKIKFKHITPLQEQSKEVAIRIF
QGCQFRSVEAVQEITEYAKSIPGFVNLDLNDQVTLLKYGVHEIIYTMLASLMNKDGVLISEGQGFMTREFLKSLRKPFGD
FMEPKFEFAVKFNALELDDSDLAIFIAVIILSGDRPGLLNVKPIEDIQDNLLQALELQLKLNHPESSQLFAKLLQKMTDL
RQIVTEHVQLLQVIKKTETDMSLHPLLQEIYKDLY
;
_entity_poly.pdbx_strand_id   A,B
#
loop_
_chem_comp.id
_chem_comp.type
_chem_comp.name
_chem_comp.formula
KNA non-polymer 'nonanoic acid' 'C9 H18 O2'
XZK non-polymer N-(4-carbamoylphenyl)-2-chloro-5-nitrobenzamide 'C14 H10 Cl N3 O4'
#
# COMPACT_ATOMS: atom_id res chain seq x y z
N GLU A 5 22.67 -5.69 -17.11
CA GLU A 5 22.42 -6.59 -18.23
C GLU A 5 21.10 -7.38 -18.05
N SER A 6 20.25 -7.30 -19.07
CA SER A 6 19.03 -8.09 -19.14
C SER A 6 19.30 -9.55 -18.84
N ALA A 7 20.45 -10.07 -19.30
CA ALA A 7 20.71 -11.49 -19.18
C ALA A 7 20.73 -11.92 -17.72
N ASP A 8 21.38 -11.13 -16.85
CA ASP A 8 21.43 -11.47 -15.43
C ASP A 8 20.06 -11.38 -14.77
N LEU A 9 19.21 -10.46 -15.22
CA LEU A 9 17.87 -10.36 -14.68
C LEU A 9 17.02 -11.55 -15.10
N ARG A 10 17.20 -12.02 -16.34
CA ARG A 10 16.52 -13.24 -16.77
C ARG A 10 16.96 -14.42 -15.93
N ALA A 11 18.25 -14.51 -15.63
CA ALA A 11 18.75 -15.61 -14.81
C ALA A 11 18.19 -15.53 -13.40
N LEU A 12 18.11 -14.31 -12.85
CA LEU A 12 17.45 -14.13 -11.56
C LEU A 12 16.00 -14.60 -11.63
N ALA A 13 15.26 -14.14 -12.64
CA ALA A 13 13.88 -14.58 -12.84
C ALA A 13 13.79 -16.11 -12.92
N LYS A 14 14.64 -16.72 -13.75
CA LYS A 14 14.62 -18.17 -13.86
C LYS A 14 14.92 -18.82 -12.52
N HIS A 15 15.90 -18.29 -11.78
CA HIS A 15 16.23 -18.86 -10.49
C HIS A 15 15.04 -18.83 -9.54
N LEU A 16 14.39 -17.66 -9.42
CA LEU A 16 13.29 -17.53 -8.47
C LEU A 16 12.11 -18.42 -8.87
N TYR A 17 11.77 -18.44 -10.16
CA TYR A 17 10.67 -19.29 -10.61
C TYR A 17 10.92 -20.74 -10.22
N ASP A 18 12.15 -21.21 -10.50
CA ASP A 18 12.56 -22.56 -10.14
C ASP A 18 12.38 -22.84 -8.65
N SER A 19 12.83 -21.93 -7.77
CA SER A 19 12.67 -22.17 -6.34
C SER A 19 11.23 -22.08 -5.91
N TYR A 20 10.46 -21.22 -6.57
CA TYR A 20 9.03 -21.14 -6.33
C TYR A 20 8.37 -22.48 -6.63
N ILE A 21 8.67 -23.05 -7.80
CA ILE A 21 8.06 -24.35 -8.10
C ILE A 21 8.49 -25.38 -7.07
N LYS A 22 9.75 -25.28 -6.59
CA LYS A 22 10.24 -26.26 -5.65
C LYS A 22 9.66 -26.08 -4.25
N SER A 23 9.22 -24.87 -3.89
CA SER A 23 8.74 -24.65 -2.52
C SER A 23 7.23 -24.62 -2.39
N PHE A 24 6.51 -24.39 -3.47
CA PHE A 24 5.06 -24.19 -3.41
C PHE A 24 4.38 -25.28 -4.21
N PRO A 25 3.76 -26.26 -3.54
CA PRO A 25 3.31 -27.44 -4.28
C PRO A 25 2.07 -27.18 -5.11
N LEU A 26 1.22 -26.23 -4.72
CA LEU A 26 0.03 -25.93 -5.50
C LEU A 26 0.28 -24.60 -6.22
N THR A 27 0.75 -24.69 -7.45
CA THR A 27 1.04 -23.46 -8.19
C THR A 27 -0.26 -22.85 -8.68
N LYS A 28 -0.18 -21.59 -9.10
CA LYS A 28 -1.30 -20.97 -9.79
C LYS A 28 -1.69 -21.76 -11.04
N ALA A 29 -0.69 -22.30 -11.75
CA ALA A 29 -1.00 -23.03 -12.98
C ALA A 29 -1.84 -24.27 -12.67
N LYS A 30 -1.45 -25.03 -11.64
CA LYS A 30 -2.27 -26.16 -11.22
C LYS A 30 -3.64 -25.72 -10.72
N ALA A 31 -3.68 -24.70 -9.86
CA ALA A 31 -4.96 -24.20 -9.34
C ALA A 31 -5.89 -23.79 -10.47
N ARG A 32 -5.36 -23.09 -11.49
CA ARG A 32 -6.19 -22.72 -12.63
C ARG A 32 -6.67 -23.95 -13.38
N ALA A 33 -5.79 -24.92 -13.58
CA ALA A 33 -6.21 -26.14 -14.23
C ALA A 33 -7.31 -26.82 -13.44
N ILE A 34 -7.23 -26.77 -12.11
CA ILE A 34 -8.27 -27.39 -11.30
C ILE A 34 -9.56 -26.59 -11.41
N LEU A 35 -9.45 -25.26 -11.38
CA LEU A 35 -10.65 -24.43 -11.30
C LEU A 35 -11.38 -24.34 -12.63
N THR A 36 -10.69 -24.44 -13.76
CA THR A 36 -11.34 -24.21 -15.05
C THR A 36 -11.73 -25.48 -15.79
N GLY A 37 -11.49 -26.66 -15.23
CA GLY A 37 -11.93 -27.89 -15.87
C GLY A 37 -10.95 -28.59 -16.80
N LYS A 38 -9.63 -28.44 -16.57
CA LYS A 38 -8.65 -29.04 -17.48
C LYS A 38 -8.34 -30.50 -17.12
N THR A 39 -7.97 -31.27 -18.14
CA THR A 39 -7.79 -32.71 -17.99
C THR A 39 -6.41 -33.07 -17.45
N THR A 40 -5.52 -32.09 -17.31
CA THR A 40 -4.30 -32.28 -16.54
C THR A 40 -4.62 -32.51 -15.07
N ASP A 41 -5.75 -32.03 -14.59
CA ASP A 41 -6.01 -32.07 -13.16
C ASP A 41 -7.42 -32.53 -12.88
N LYS A 42 -7.66 -32.86 -11.62
CA LYS A 42 -8.87 -33.55 -11.23
C LYS A 42 -9.80 -32.59 -10.49
N SER A 43 -11.08 -32.92 -10.55
CA SER A 43 -12.13 -32.09 -10.00
C SER A 43 -12.19 -32.04 -8.48
N PRO A 44 -12.32 -30.82 -7.95
CA PRO A 44 -12.44 -30.67 -6.49
C PRO A 44 -13.83 -31.03 -6.00
N PHE A 45 -13.90 -31.50 -4.77
CA PHE A 45 -15.16 -31.63 -4.05
C PHE A 45 -15.57 -30.27 -3.48
N VAL A 46 -16.79 -29.86 -3.72
CA VAL A 46 -17.19 -28.48 -3.52
C VAL A 46 -18.01 -28.38 -2.25
N ILE A 47 -17.43 -27.75 -1.24
CA ILE A 47 -18.07 -27.51 0.04
C ILE A 47 -18.80 -26.18 -0.07
N TYR A 48 -20.11 -26.20 0.14
CA TYR A 48 -20.94 -25.02 -0.02
C TYR A 48 -22.02 -24.96 1.03
N ASP A 49 -22.11 -25.96 1.91
CA ASP A 49 -23.07 -26.01 2.99
C ASP A 49 -22.54 -27.01 4.01
N MET A 50 -23.27 -27.15 5.12
CA MET A 50 -22.80 -28.01 6.20
C MET A 50 -22.73 -29.46 5.75
N ASN A 51 -23.73 -29.92 5.01
CA ASN A 51 -23.75 -31.33 4.64
C ASN A 51 -22.58 -31.65 3.71
N SER A 52 -22.41 -30.86 2.64
CA SER A 52 -21.23 -31.07 1.78
C SER A 52 -19.95 -30.91 2.57
N LEU A 53 -19.94 -30.01 3.56
CA LEU A 53 -18.80 -29.94 4.45
C LEU A 53 -18.58 -31.27 5.16
N MET A 54 -19.66 -31.86 5.70
CA MET A 54 -19.52 -33.11 6.43
C MET A 54 -19.22 -34.31 5.54
N MET A 55 -19.39 -34.19 4.23
CA MET A 55 -18.92 -35.21 3.30
C MET A 55 -17.51 -34.96 2.81
N GLY A 56 -16.92 -33.79 3.16
CA GLY A 56 -15.60 -33.45 2.67
C GLY A 56 -14.50 -34.28 3.27
N GLU A 57 -14.53 -34.48 4.59
CA GLU A 57 -13.52 -35.30 5.24
C GLU A 57 -13.62 -36.77 4.83
N ASP A 58 -14.76 -37.21 4.33
CA ASP A 58 -14.82 -38.52 3.70
C ASP A 58 -14.05 -38.52 2.38
N LYS A 59 -14.32 -37.51 1.53
CA LYS A 59 -13.78 -37.51 0.17
C LYS A 59 -12.38 -36.92 0.10
N ILE A 60 -12.04 -36.03 1.02
CA ILE A 60 -10.77 -35.31 1.02
C ILE A 60 -9.98 -35.71 2.26
N LYS A 73 -17.15 -29.03 18.66
CA LYS A 73 -16.40 -27.99 17.96
C LYS A 73 -17.16 -27.50 16.73
N GLU A 74 -17.88 -26.37 16.88
CA GLU A 74 -18.86 -25.95 15.89
C GLU A 74 -18.20 -25.59 14.55
N VAL A 75 -19.05 -25.58 13.51
CA VAL A 75 -18.56 -25.54 12.13
C VAL A 75 -17.55 -24.41 11.93
N ALA A 76 -17.97 -23.18 12.25
CA ALA A 76 -17.13 -22.01 11.98
C ALA A 76 -15.76 -22.15 12.63
N ILE A 77 -15.70 -22.71 13.83
CA ILE A 77 -14.43 -22.88 14.52
C ILE A 77 -13.60 -23.95 13.80
N ARG A 78 -14.22 -25.08 13.47
CA ARG A 78 -13.52 -26.14 12.75
C ARG A 78 -12.87 -25.63 11.47
N ILE A 79 -13.64 -24.89 10.68
CA ILE A 79 -13.08 -24.27 9.47
C ILE A 79 -11.96 -23.32 9.83
N PHE A 80 -12.18 -22.47 10.84
CA PHE A 80 -11.16 -21.47 11.17
C PHE A 80 -9.86 -22.12 11.62
N GLN A 81 -9.92 -23.30 12.24
CA GLN A 81 -8.70 -23.98 12.66
C GLN A 81 -7.97 -24.60 11.48
N GLY A 82 -8.73 -25.19 10.54
CA GLY A 82 -8.12 -25.65 9.31
C GLY A 82 -7.48 -24.53 8.53
N CYS A 83 -8.17 -23.38 8.44
CA CYS A 83 -7.56 -22.20 7.85
C CYS A 83 -6.30 -21.81 8.61
N GLN A 84 -6.35 -21.88 9.94
CA GLN A 84 -5.21 -21.51 10.78
C GLN A 84 -4.01 -22.37 10.44
N PHE A 85 -4.19 -23.69 10.48
CA PHE A 85 -3.05 -24.59 10.28
C PHE A 85 -2.60 -24.60 8.83
N ARG A 86 -3.55 -24.38 7.92
CA ARG A 86 -3.23 -24.28 6.47
C ARG A 86 -2.36 -23.04 6.27
N SER A 87 -2.47 -22.07 7.19
CA SER A 87 -1.67 -20.86 7.12
C SER A 87 -0.23 -21.13 7.55
N VAL A 88 -0.04 -21.95 8.61
CA VAL A 88 1.32 -22.29 9.03
C VAL A 88 2.04 -23.00 7.90
N GLU A 89 1.33 -23.91 7.22
CA GLU A 89 1.93 -24.62 6.11
C GLU A 89 2.45 -23.64 5.08
N ALA A 90 1.66 -22.61 4.79
CA ALA A 90 2.06 -21.61 3.82
C ALA A 90 3.26 -20.83 4.30
N VAL A 91 3.29 -20.47 5.59
CA VAL A 91 4.44 -19.73 6.10
C VAL A 91 5.70 -20.57 5.95
N GLN A 92 5.61 -21.87 6.24
CA GLN A 92 6.77 -22.75 6.06
C GLN A 92 7.24 -22.75 4.61
N GLU A 93 6.31 -22.87 3.66
CA GLU A 93 6.74 -22.84 2.26
C GLU A 93 7.33 -21.49 1.92
N ILE A 94 6.67 -20.40 2.34
CA ILE A 94 7.20 -19.06 2.06
C ILE A 94 8.59 -18.91 2.64
N THR A 95 8.76 -19.29 3.92
CA THR A 95 10.08 -19.19 4.54
C THR A 95 11.12 -19.98 3.75
N GLU A 96 10.73 -21.13 3.21
CA GLU A 96 11.69 -21.90 2.43
C GLU A 96 11.97 -21.22 1.09
N TYR A 97 10.96 -20.62 0.49
CA TYR A 97 11.21 -19.86 -0.73
C TYR A 97 12.14 -18.69 -0.44
N ALA A 98 11.91 -17.98 0.66
CA ALA A 98 12.70 -16.80 1.03
C ALA A 98 14.19 -17.10 1.05
N LYS A 99 14.54 -18.24 1.65
CA LYS A 99 15.93 -18.66 1.74
C LYS A 99 16.60 -18.71 0.38
N SER A 100 15.85 -19.02 -0.66
CA SER A 100 16.41 -19.08 -2.00
C SER A 100 16.59 -17.73 -2.64
N ILE A 101 15.97 -16.67 -2.09
CA ILE A 101 16.12 -15.35 -2.69
C ILE A 101 17.58 -14.97 -2.51
N PRO A 102 18.32 -14.71 -3.60
CA PRO A 102 19.75 -14.47 -3.45
C PRO A 102 20.00 -13.28 -2.54
N GLY A 103 20.87 -13.49 -1.57
CA GLY A 103 21.22 -12.50 -0.59
C GLY A 103 20.42 -12.55 0.69
N PHE A 104 19.27 -13.22 0.70
CA PHE A 104 18.41 -13.16 1.87
C PHE A 104 19.05 -13.79 3.09
N VAL A 105 19.64 -14.98 2.93
CA VAL A 105 20.15 -15.68 4.10
C VAL A 105 21.44 -15.04 4.60
N ASN A 106 22.11 -14.23 3.77
CA ASN A 106 23.29 -13.50 4.20
C ASN A 106 22.95 -12.23 4.98
N LEU A 107 21.69 -11.85 5.03
CA LEU A 107 21.31 -10.65 5.77
C LEU A 107 21.41 -10.92 7.26
N ASP A 108 21.53 -9.85 8.03
CA ASP A 108 21.44 -9.94 9.48
C ASP A 108 20.27 -10.83 9.86
N LEU A 109 20.55 -11.79 10.74
CA LEU A 109 19.54 -12.76 11.12
C LEU A 109 18.28 -12.07 11.62
N ASN A 110 18.44 -10.99 12.39
CA ASN A 110 17.29 -10.30 12.96
C ASN A 110 16.46 -9.63 11.89
N ASP A 111 17.11 -9.18 10.82
CA ASP A 111 16.43 -8.55 9.72
C ASP A 111 15.70 -9.60 8.87
N GLN A 112 16.29 -10.79 8.72
CA GLN A 112 15.58 -11.91 8.12
C GLN A 112 14.27 -12.16 8.82
N VAL A 113 14.33 -12.31 10.14
CA VAL A 113 13.13 -12.54 10.94
C VAL A 113 12.13 -11.41 10.73
N THR A 114 12.63 -10.18 10.69
CA THR A 114 11.72 -9.06 10.53
C THR A 114 11.11 -9.04 9.13
N LEU A 115 11.94 -9.27 8.10
CA LEU A 115 11.40 -9.33 6.75
C LEU A 115 10.32 -10.39 6.62
N LEU A 116 10.53 -11.55 7.25
CA LEU A 116 9.56 -12.63 7.17
C LEU A 116 8.29 -12.28 7.94
N LYS A 117 8.47 -11.87 9.20
CA LYS A 117 7.36 -11.49 10.07
C LYS A 117 6.37 -10.57 9.36
N TYR A 118 6.88 -9.62 8.63
CA TYR A 118 6.06 -8.67 7.96
C TYR A 118 5.65 -9.11 6.58
N GLY A 119 6.53 -9.76 5.85
CA GLY A 119 6.20 -10.17 4.54
C GLY A 119 5.34 -11.37 4.31
N VAL A 120 5.32 -12.24 5.26
CA VAL A 120 4.66 -13.47 5.12
C VAL A 120 3.17 -13.38 4.83
N HIS A 121 2.43 -12.48 5.48
CA HIS A 121 0.98 -12.41 5.18
C HIS A 121 0.70 -11.72 3.85
N GLU A 122 1.55 -10.79 3.46
CA GLU A 122 1.38 -10.08 2.20
C GLU A 122 1.73 -10.98 1.03
N ILE A 123 2.48 -12.04 1.33
CA ILE A 123 2.90 -13.00 0.31
C ILE A 123 1.98 -14.22 0.32
N ILE A 124 1.54 -14.61 1.51
CA ILE A 124 0.65 -15.75 1.66
C ILE A 124 -0.68 -15.48 0.96
N TYR A 125 -1.17 -14.26 1.14
CA TYR A 125 -2.44 -13.86 0.52
C TYR A 125 -2.26 -13.63 -0.97
N THR A 126 -1.13 -13.02 -1.34
CA THR A 126 -0.83 -12.75 -2.74
C THR A 126 -0.84 -14.06 -3.52
N MET A 127 -0.24 -15.09 -2.93
CA MET A 127 -0.18 -16.41 -3.56
C MET A 127 -1.48 -17.15 -3.33
N LEU A 128 -2.23 -16.71 -2.33
CA LEU A 128 -3.52 -17.32 -2.00
C LEU A 128 -4.55 -17.00 -3.07
N ALA A 129 -4.42 -15.81 -3.65
CA ALA A 129 -5.35 -15.38 -4.70
C ALA A 129 -5.35 -16.40 -5.83
N SER A 130 -4.19 -17.03 -6.06
CA SER A 130 -4.07 -18.04 -7.10
C SER A 130 -5.09 -19.16 -6.91
N LEU A 131 -5.50 -19.41 -5.67
CA LEU A 131 -6.45 -20.47 -5.35
C LEU A 131 -7.89 -19.99 -5.39
N MET A 132 -8.14 -18.72 -5.73
CA MET A 132 -9.47 -18.16 -5.63
C MET A 132 -9.99 -17.79 -7.00
N ASN A 133 -11.30 -17.87 -7.14
CA ASN A 133 -12.02 -17.08 -8.13
C ASN A 133 -13.11 -16.36 -7.36
N LYS A 134 -13.96 -15.61 -8.07
CA LYS A 134 -15.01 -14.89 -7.34
C LYS A 134 -15.90 -15.84 -6.56
N ASP A 135 -15.93 -17.12 -6.90
CA ASP A 135 -16.89 -18.04 -6.31
C ASP A 135 -16.39 -18.77 -5.07
N GLY A 136 -15.10 -18.83 -4.83
CA GLY A 136 -14.61 -19.60 -3.72
C GLY A 136 -13.13 -19.86 -3.86
N VAL A 137 -12.64 -20.75 -3.01
CA VAL A 137 -11.21 -20.97 -2.86
C VAL A 137 -10.92 -22.46 -2.85
N LEU A 138 -9.87 -22.84 -3.56
CA LEU A 138 -9.36 -24.20 -3.45
C LEU A 138 -8.85 -24.45 -2.05
N ILE A 139 -9.10 -25.66 -1.55
CA ILE A 139 -8.63 -26.07 -0.24
C ILE A 139 -8.03 -27.46 -0.35
N SER A 140 -7.42 -27.89 0.74
CA SER A 140 -6.74 -29.19 0.86
C SER A 140 -5.94 -29.53 -0.40
N GLU A 141 -4.94 -28.72 -0.65
CA GLU A 141 -4.09 -28.76 -1.86
C GLU A 141 -4.89 -29.05 -3.12
N GLY A 142 -5.93 -28.26 -3.35
CA GLY A 142 -6.70 -28.32 -4.57
C GLY A 142 -7.73 -29.43 -4.66
N GLN A 143 -7.78 -30.37 -3.70
CA GLN A 143 -8.80 -31.42 -3.73
C GLN A 143 -10.18 -30.89 -3.37
N GLY A 144 -10.26 -29.80 -2.61
CA GLY A 144 -11.52 -29.26 -2.18
C GLY A 144 -11.75 -27.89 -2.80
N PHE A 145 -12.99 -27.42 -2.71
CA PHE A 145 -13.31 -26.05 -3.10
C PHE A 145 -14.40 -25.55 -2.17
N MET A 146 -14.05 -24.65 -1.26
CA MET A 146 -15.03 -24.04 -0.37
C MET A 146 -15.55 -22.76 -0.99
N THR A 147 -16.87 -22.66 -1.12
CA THR A 147 -17.47 -21.54 -1.83
C THR A 147 -17.41 -20.29 -0.97
N ARG A 148 -17.30 -19.15 -1.65
CA ARG A 148 -17.19 -17.88 -0.94
C ARG A 148 -18.44 -17.59 -0.12
N GLU A 149 -19.63 -18.01 -0.60
CA GLU A 149 -20.85 -17.72 0.15
C GLU A 149 -20.93 -18.55 1.42
N PHE A 150 -20.48 -19.81 1.36
CA PHE A 150 -20.47 -20.64 2.56
C PHE A 150 -19.58 -20.01 3.63
N LEU A 151 -18.42 -19.47 3.24
CA LEU A 151 -17.58 -18.76 4.19
C LEU A 151 -18.29 -17.54 4.74
N LYS A 152 -18.89 -16.74 3.84
CA LYS A 152 -19.61 -15.55 4.27
C LYS A 152 -20.79 -15.90 5.15
N SER A 153 -21.31 -17.11 5.04
CA SER A 153 -22.46 -17.54 5.84
C SER A 153 -22.08 -17.95 7.26
N LEU A 154 -20.79 -18.05 7.56
CA LEU A 154 -20.36 -18.47 8.89
C LEU A 154 -20.71 -17.40 9.93
N ARG A 155 -20.78 -17.83 11.18
CA ARG A 155 -21.16 -17.00 12.37
C ARG A 155 -20.27 -15.78 12.53
N LYS A 156 -20.89 -14.79 13.17
CA LYS A 156 -20.62 -13.35 13.18
C LYS A 156 -19.15 -13.05 12.93
N PRO A 157 -18.19 -13.46 13.82
CA PRO A 157 -16.79 -13.01 13.61
C PRO A 157 -16.13 -13.71 12.43
N PHE A 158 -16.29 -15.04 12.32
CA PHE A 158 -15.63 -15.78 11.26
C PHE A 158 -16.30 -15.57 9.91
N GLY A 159 -17.57 -15.20 9.87
CA GLY A 159 -18.25 -15.04 8.62
C GLY A 159 -17.57 -14.07 7.67
N ASP A 160 -16.91 -13.05 8.22
CA ASP A 160 -16.29 -12.02 7.40
C ASP A 160 -14.78 -12.17 7.30
N PHE A 161 -14.24 -13.30 7.77
CA PHE A 161 -12.79 -13.47 7.82
C PHE A 161 -12.17 -13.43 6.42
N MET A 162 -12.75 -14.18 5.48
CA MET A 162 -12.12 -14.39 4.19
C MET A 162 -12.60 -13.45 3.11
N GLU A 163 -13.75 -12.80 3.31
CA GLU A 163 -14.30 -11.89 2.30
C GLU A 163 -13.28 -10.90 1.77
N PRO A 164 -12.56 -10.13 2.59
CA PRO A 164 -11.61 -9.17 2.00
C PRO A 164 -10.51 -9.84 1.20
N LYS A 165 -10.13 -11.08 1.54
CA LYS A 165 -9.18 -11.81 0.69
C LYS A 165 -9.78 -12.06 -0.69
N PHE A 166 -11.04 -12.50 -0.73
CA PHE A 166 -11.73 -12.70 -2.01
C PHE A 166 -11.76 -11.41 -2.81
N GLU A 167 -12.11 -10.31 -2.15
CA GLU A 167 -12.17 -9.03 -2.85
C GLU A 167 -10.82 -8.68 -3.46
N PHE A 168 -9.76 -8.86 -2.68
CA PHE A 168 -8.43 -8.64 -3.22
C PHE A 168 -8.14 -9.60 -4.37
N ALA A 169 -8.37 -10.89 -4.15
CA ALA A 169 -8.02 -11.88 -5.17
C ALA A 169 -8.68 -11.56 -6.49
N VAL A 170 -9.95 -11.12 -6.45
CA VAL A 170 -10.68 -10.80 -7.68
C VAL A 170 -9.95 -9.73 -8.46
N LYS A 171 -9.58 -8.62 -7.79
CA LYS A 171 -8.82 -7.57 -8.45
C LYS A 171 -7.44 -8.05 -8.83
N PHE A 172 -6.77 -8.79 -7.92
CA PHE A 172 -5.42 -9.24 -8.22
C PHE A 172 -5.42 -10.21 -9.39
N ASN A 173 -6.34 -11.18 -9.38
CA ASN A 173 -6.35 -12.17 -10.44
C ASN A 173 -6.64 -11.55 -11.80
N ALA A 174 -7.26 -10.37 -11.80
CA ALA A 174 -7.48 -9.63 -13.03
C ALA A 174 -6.17 -9.24 -13.70
N LEU A 175 -5.09 -9.13 -12.93
CA LEU A 175 -3.80 -8.84 -13.55
C LEU A 175 -3.29 -10.02 -14.37
N GLU A 176 -3.84 -11.21 -14.17
CA GLU A 176 -3.49 -12.40 -14.95
C GLU A 176 -2.00 -12.71 -14.84
N LEU A 177 -1.49 -12.67 -13.62
CA LEU A 177 -0.09 -13.03 -13.44
C LEU A 177 0.06 -14.54 -13.50
N ASP A 178 1.20 -15.00 -14.00
CA ASP A 178 1.48 -16.42 -13.87
C ASP A 178 2.55 -16.63 -12.81
N ASP A 179 2.79 -17.89 -12.50
CA ASP A 179 3.72 -18.24 -11.41
C ASP A 179 5.08 -17.59 -11.58
N SER A 180 5.58 -17.50 -12.82
CA SER A 180 6.90 -16.93 -13.03
C SER A 180 6.92 -15.45 -12.71
N ASP A 181 5.79 -14.76 -12.91
CA ASP A 181 5.65 -13.39 -12.43
C ASP A 181 5.63 -13.38 -10.92
N LEU A 182 4.75 -14.18 -10.32
CA LEU A 182 4.55 -14.16 -8.88
C LEU A 182 5.82 -14.50 -8.14
N ALA A 183 6.65 -15.39 -8.70
CA ALA A 183 7.85 -15.78 -7.98
C ALA A 183 8.70 -14.55 -7.69
N ILE A 184 8.89 -13.71 -8.71
CA ILE A 184 9.65 -12.49 -8.51
C ILE A 184 8.88 -11.48 -7.68
N PHE A 185 7.59 -11.37 -7.94
CA PHE A 185 6.80 -10.39 -7.19
C PHE A 185 6.85 -10.69 -5.71
N ILE A 186 6.78 -11.98 -5.36
CA ILE A 186 6.79 -12.37 -3.96
C ILE A 186 8.14 -12.07 -3.33
N ALA A 187 9.23 -12.23 -4.09
CA ALA A 187 10.55 -11.90 -3.55
C ALA A 187 10.67 -10.41 -3.30
N VAL A 188 10.18 -9.60 -4.24
CA VAL A 188 10.10 -8.16 -4.06
C VAL A 188 9.43 -7.82 -2.74
N ILE A 189 8.28 -8.43 -2.49
CA ILE A 189 7.57 -8.20 -1.23
C ILE A 189 8.46 -8.48 -0.04
N ILE A 190 9.11 -9.66 -0.01
CA ILE A 190 9.86 -10.07 1.18
C ILE A 190 10.97 -9.08 1.49
N LEU A 191 11.66 -8.61 0.46
CA LEU A 191 12.83 -7.77 0.65
C LEU A 191 12.40 -6.30 0.59
N SER A 192 11.51 -5.92 1.49
CA SER A 192 10.99 -4.55 1.43
C SER A 192 12.00 -3.54 1.93
N GLY A 193 12.34 -3.57 3.21
CA GLY A 193 13.28 -2.58 3.70
C GLY A 193 12.65 -1.35 4.30
N ASP A 194 11.36 -1.10 4.03
CA ASP A 194 10.56 -0.19 4.82
C ASP A 194 9.86 -0.89 5.96
N ARG A 195 10.33 -2.09 6.34
CA ARG A 195 9.68 -2.80 7.42
C ARG A 195 10.13 -2.24 8.77
N PRO A 196 9.22 -2.13 9.73
CA PRO A 196 9.62 -1.66 11.07
C PRO A 196 10.66 -2.56 11.71
N GLY A 197 11.66 -1.94 12.33
CA GLY A 197 12.64 -2.65 13.12
C GLY A 197 13.89 -3.07 12.39
N LEU A 198 13.99 -2.80 11.09
CA LEU A 198 15.08 -3.34 10.29
C LEU A 198 16.40 -2.68 10.66
N LEU A 199 17.36 -3.50 11.10
CA LEU A 199 18.62 -2.96 11.60
C LEU A 199 19.48 -2.40 10.46
N ASN A 200 19.46 -3.04 9.28
CA ASN A 200 20.35 -2.62 8.19
C ASN A 200 19.57 -2.61 6.88
N VAL A 201 19.07 -1.43 6.52
CA VAL A 201 18.10 -1.30 5.44
C VAL A 201 18.77 -1.30 4.07
N LYS A 202 19.98 -0.78 3.97
CA LYS A 202 20.62 -0.63 2.66
C LYS A 202 20.85 -1.94 1.91
N PRO A 203 21.29 -3.03 2.53
CA PRO A 203 21.55 -4.24 1.73
C PRO A 203 20.25 -4.93 1.32
N ILE A 204 19.21 -4.78 2.13
CA ILE A 204 17.85 -5.18 1.71
C ILE A 204 17.43 -4.43 0.46
N GLU A 205 17.60 -3.10 0.46
CA GLU A 205 17.16 -2.33 -0.70
C GLU A 205 17.99 -2.65 -1.92
N ASP A 206 19.29 -2.92 -1.74
CA ASP A 206 20.09 -3.35 -2.88
C ASP A 206 19.51 -4.64 -3.47
N ILE A 207 19.12 -5.59 -2.62
CA ILE A 207 18.48 -6.81 -3.11
C ILE A 207 17.15 -6.47 -3.78
N GLN A 208 16.28 -5.75 -3.07
CA GLN A 208 14.97 -5.45 -3.68
C GLN A 208 15.13 -4.75 -5.02
N ASP A 209 16.12 -3.84 -5.13
CA ASP A 209 16.32 -3.11 -6.38
C ASP A 209 16.60 -4.06 -7.54
N ASN A 210 17.46 -5.04 -7.32
CA ASN A 210 17.71 -6.07 -8.31
C ASN A 210 16.45 -6.88 -8.62
N LEU A 211 15.68 -7.22 -7.58
CA LEU A 211 14.44 -7.96 -7.80
C LEU A 211 13.46 -7.14 -8.61
N LEU A 212 13.27 -5.86 -8.24
CA LEU A 212 12.33 -5.02 -8.98
C LEU A 212 12.76 -4.88 -10.42
N GLN A 213 14.07 -4.74 -10.66
CA GLN A 213 14.57 -4.77 -12.02
C GLN A 213 14.21 -6.07 -12.71
N ALA A 214 14.33 -7.18 -11.99
CA ALA A 214 13.98 -8.49 -12.52
C ALA A 214 12.50 -8.56 -12.82
N LEU A 215 11.68 -8.13 -11.86
CA LEU A 215 10.23 -8.15 -12.02
C LEU A 215 9.82 -7.37 -13.26
N GLU A 216 10.36 -6.16 -13.39
CA GLU A 216 10.01 -5.28 -14.50
C GLU A 216 10.34 -5.92 -15.84
N LEU A 217 11.57 -6.37 -16.03
CA LEU A 217 11.91 -7.04 -17.28
C LEU A 217 11.00 -8.24 -17.51
N GLN A 218 10.74 -9.03 -16.45
CA GLN A 218 9.89 -10.21 -16.58
C GLN A 218 8.49 -9.84 -17.05
N LEU A 219 7.91 -8.78 -16.47
CA LEU A 219 6.56 -8.41 -16.87
C LEU A 219 6.53 -7.87 -18.31
N LYS A 220 7.57 -7.14 -18.74
CA LYS A 220 7.58 -6.66 -20.12
C LYS A 220 7.69 -7.81 -21.10
N LEU A 221 8.50 -8.82 -20.77
CA LEU A 221 8.67 -9.92 -21.70
C LEU A 221 7.45 -10.82 -21.70
N ASN A 222 6.94 -11.14 -20.50
CA ASN A 222 5.86 -12.10 -20.34
C ASN A 222 4.49 -11.48 -20.61
N HIS A 223 4.39 -10.15 -20.56
CA HIS A 223 3.12 -9.47 -20.79
C HIS A 223 3.37 -8.20 -21.58
N PRO A 224 3.88 -8.32 -22.82
CA PRO A 224 4.29 -7.11 -23.55
C PRO A 224 3.12 -6.20 -23.91
N GLU A 225 1.92 -6.73 -24.09
CA GLU A 225 0.75 -5.92 -24.40
C GLU A 225 -0.03 -5.54 -23.16
N SER A 226 0.60 -5.54 -21.99
CA SER A 226 -0.08 -5.23 -20.74
C SER A 226 0.52 -3.93 -20.19
N SER A 227 -0.08 -2.82 -20.56
CA SER A 227 0.57 -1.54 -20.32
C SER A 227 0.70 -1.26 -18.82
N GLN A 228 1.89 -0.84 -18.40
CA GLN A 228 2.13 -0.44 -17.02
C GLN A 228 1.77 -1.53 -16.01
N LEU A 229 1.90 -2.80 -16.40
CA LEU A 229 1.57 -3.88 -15.45
C LEU A 229 2.48 -3.81 -14.24
N PHE A 230 3.76 -3.53 -14.49
CA PHE A 230 4.73 -3.34 -13.43
C PHE A 230 4.20 -2.36 -12.40
N ALA A 231 3.84 -1.15 -12.85
CA ALA A 231 3.28 -0.15 -11.95
C ALA A 231 2.00 -0.67 -11.30
N LYS A 232 1.13 -1.30 -12.11
CA LYS A 232 -0.16 -1.74 -11.57
C LYS A 232 0.02 -2.81 -10.51
N LEU A 233 1.00 -3.71 -10.71
CA LEU A 233 1.29 -4.74 -9.71
C LEU A 233 1.86 -4.15 -8.42
N LEU A 234 2.79 -3.19 -8.52
CA LEU A 234 3.28 -2.56 -7.30
C LEU A 234 2.16 -1.86 -6.54
N GLN A 235 1.23 -1.23 -7.25
CA GLN A 235 0.10 -0.58 -6.58
C GLN A 235 -0.74 -1.58 -5.81
N LYS A 236 -0.83 -2.82 -6.30
CA LYS A 236 -1.55 -3.86 -5.56
C LYS A 236 -0.91 -4.12 -4.21
N MET A 237 0.38 -3.80 -4.06
CA MET A 237 1.00 -3.92 -2.74
C MET A 237 0.29 -3.08 -1.71
N THR A 238 -0.46 -2.06 -2.14
CA THR A 238 -1.27 -1.31 -1.19
C THR A 238 -2.40 -2.17 -0.65
N ASP A 239 -3.09 -2.90 -1.53
CA ASP A 239 -4.22 -3.70 -1.09
C ASP A 239 -3.77 -4.78 -0.13
N LEU A 240 -2.61 -5.41 -0.41
CA LEU A 240 -2.09 -6.42 0.50
C LEU A 240 -1.83 -5.83 1.87
N ARG A 241 -1.15 -4.69 1.91
CA ARG A 241 -0.87 -4.05 3.17
C ARG A 241 -2.15 -3.77 3.94
N GLN A 242 -3.22 -3.38 3.23
CA GLN A 242 -4.51 -3.18 3.88
C GLN A 242 -5.05 -4.48 4.46
N ILE A 243 -5.08 -5.54 3.65
CA ILE A 243 -5.62 -6.84 4.07
C ILE A 243 -4.98 -7.30 5.38
N VAL A 244 -3.65 -7.27 5.43
CA VAL A 244 -2.95 -7.80 6.60
C VAL A 244 -3.33 -7.02 7.85
N THR A 245 -3.34 -5.69 7.77
CA THR A 245 -3.70 -4.89 8.96
C THR A 245 -5.17 -5.07 9.31
N GLU A 246 -6.04 -5.10 8.31
CA GLU A 246 -7.44 -5.43 8.58
C GLU A 246 -7.53 -6.81 9.22
N HIS A 247 -6.73 -7.77 8.76
CA HIS A 247 -6.86 -9.15 9.21
C HIS A 247 -6.50 -9.32 10.69
N VAL A 248 -5.55 -8.53 11.21
CA VAL A 248 -5.12 -8.76 12.59
C VAL A 248 -6.19 -8.31 13.58
N GLN A 249 -7.01 -7.33 13.23
CA GLN A 249 -8.00 -6.86 14.19
C GLN A 249 -9.06 -7.93 14.44
N LEU A 250 -9.55 -8.59 13.39
CA LEU A 250 -10.51 -9.65 13.61
C LEU A 250 -9.89 -10.82 14.35
N LEU A 251 -8.57 -11.00 14.24
CA LEU A 251 -7.89 -11.97 15.07
C LEU A 251 -8.01 -11.62 16.56
N GLN A 252 -7.73 -10.36 16.91
CA GLN A 252 -7.90 -9.96 18.31
C GLN A 252 -9.34 -10.13 18.77
N VAL A 253 -10.30 -9.90 17.87
CA VAL A 253 -11.71 -10.06 18.24
C VAL A 253 -11.99 -11.50 18.63
N ILE A 254 -11.45 -12.46 17.88
CA ILE A 254 -11.76 -13.87 18.14
C ILE A 254 -11.04 -14.38 19.38
N LYS A 255 -9.79 -13.95 19.57
CA LYS A 255 -9.07 -14.34 20.79
C LYS A 255 -9.86 -13.95 22.04
N LYS A 256 -10.59 -12.84 21.99
CA LYS A 256 -11.39 -12.41 23.12
C LYS A 256 -12.80 -12.98 23.09
N THR A 257 -13.34 -13.29 21.91
CA THR A 257 -14.65 -13.91 21.84
C THR A 257 -14.60 -15.36 22.30
N GLU A 258 -13.58 -16.10 21.87
CA GLU A 258 -13.46 -17.53 22.16
C GLU A 258 -12.16 -17.74 22.94
N THR A 259 -12.23 -17.47 24.24
CA THR A 259 -11.21 -17.79 25.22
C THR A 259 -10.60 -19.18 25.00
N ASP A 260 -11.40 -20.12 24.49
CA ASP A 260 -11.00 -21.50 24.37
C ASP A 260 -10.25 -21.82 23.08
N MET A 261 -10.04 -20.84 22.20
CA MET A 261 -9.51 -21.11 20.88
C MET A 261 -8.04 -20.75 20.80
N SER A 262 -7.26 -21.62 20.16
CA SER A 262 -5.80 -21.59 20.25
C SER A 262 -5.20 -21.20 18.90
N LEU A 263 -4.69 -19.97 18.83
CA LEU A 263 -3.97 -19.53 17.65
C LEU A 263 -2.53 -20.05 17.70
N HIS A 264 -2.08 -20.62 16.57
CA HIS A 264 -0.77 -21.26 16.50
C HIS A 264 0.33 -20.27 16.87
N PRO A 265 1.34 -20.68 17.65
CA PRO A 265 2.32 -19.70 18.15
C PRO A 265 3.15 -19.09 17.03
N LEU A 266 3.46 -19.91 16.03
CA LEU A 266 4.13 -19.45 14.85
C LEU A 266 3.35 -18.34 14.24
N LEU A 267 2.05 -18.38 14.33
CA LEU A 267 1.25 -17.33 13.77
C LEU A 267 1.13 -16.22 14.77
N GLN A 268 1.18 -16.52 16.03
CA GLN A 268 1.13 -15.48 17.02
C GLN A 268 2.32 -14.52 16.96
N GLU A 269 3.47 -15.06 16.65
CA GLU A 269 4.60 -14.24 16.55
C GLU A 269 4.55 -13.36 15.32
N ILE A 270 3.86 -13.77 14.29
CA ILE A 270 3.73 -12.96 13.18
C ILE A 270 2.93 -11.71 13.58
N TYR A 271 1.89 -11.84 14.35
CA TYR A 271 1.18 -10.63 14.72
C TYR A 271 1.64 -9.83 15.89
N LYS A 272 2.65 -10.30 16.60
CA LYS A 272 3.16 -9.60 17.75
C LYS A 272 3.65 -8.23 17.42
N ASP A 273 2.94 -7.24 17.89
CA ASP A 273 3.25 -5.87 17.67
C ASP A 273 3.36 -5.68 16.16
N LEU A 274 2.27 -6.02 15.49
CA LEU A 274 2.08 -5.95 14.02
C LEU A 274 2.89 -6.91 13.14
N GLU B 5 4.64 7.58 -27.25
CA GLU B 5 5.73 8.36 -27.83
C GLU B 5 6.43 9.20 -26.76
N SER B 6 7.76 9.06 -26.69
CA SER B 6 8.52 9.75 -25.65
C SER B 6 8.35 11.26 -25.70
N ALA B 7 8.02 11.81 -26.87
CA ALA B 7 7.91 13.27 -26.99
C ALA B 7 6.67 13.80 -26.28
N ASP B 8 5.53 13.10 -26.42
CA ASP B 8 4.29 13.56 -25.81
C ASP B 8 4.21 13.27 -24.32
N LEU B 9 5.02 12.32 -23.83
CA LEU B 9 5.16 12.16 -22.39
C LEU B 9 5.93 13.32 -21.79
N ARG B 10 6.92 13.87 -22.53
CA ARG B 10 7.64 15.03 -22.05
C ARG B 10 6.78 16.28 -22.05
N ALA B 11 5.83 16.35 -22.99
CA ALA B 11 4.86 17.45 -22.99
C ALA B 11 3.89 17.30 -21.82
N LEU B 12 3.36 16.09 -21.63
CA LEU B 12 2.51 15.84 -20.47
C LEU B 12 3.23 16.23 -19.19
N ALA B 13 4.51 15.85 -19.06
CA ALA B 13 5.25 16.17 -17.85
C ALA B 13 5.45 17.67 -17.71
N LYS B 14 5.80 18.37 -18.80
CA LYS B 14 5.94 19.81 -18.73
C LYS B 14 4.61 20.46 -18.37
N HIS B 15 3.53 20.03 -19.02
CA HIS B 15 2.21 20.60 -18.72
C HIS B 15 1.87 20.46 -17.25
N LEU B 16 2.07 19.27 -16.69
CA LEU B 16 1.73 19.06 -15.30
C LEU B 16 2.59 19.93 -14.40
N TYR B 17 3.87 20.06 -14.74
CA TYR B 17 4.77 20.89 -13.94
C TYR B 17 4.35 22.35 -13.98
N ASP B 18 4.11 22.89 -15.18
CA ASP B 18 3.62 24.27 -15.27
C ASP B 18 2.36 24.43 -14.44
N SER B 19 1.42 23.49 -14.56
CA SER B 19 0.19 23.58 -13.81
C SER B 19 0.42 23.45 -12.31
N TYR B 20 1.38 22.60 -11.93
CA TYR B 20 1.74 22.46 -10.51
C TYR B 20 2.36 23.74 -9.98
N ILE B 21 3.23 24.37 -10.76
CA ILE B 21 3.77 25.67 -10.34
C ILE B 21 2.65 26.68 -10.16
N LYS B 22 1.69 26.72 -11.09
CA LYS B 22 0.61 27.70 -10.98
C LYS B 22 -0.26 27.46 -9.75
N SER B 23 -0.48 26.19 -9.38
CA SER B 23 -1.46 25.87 -8.35
C SER B 23 -0.90 25.80 -6.94
N PHE B 24 0.38 25.53 -6.80
CA PHE B 24 0.89 25.39 -5.45
C PHE B 24 1.89 26.51 -5.19
N PRO B 25 1.55 27.47 -4.35
CA PRO B 25 2.46 28.60 -4.13
C PRO B 25 3.82 28.17 -3.60
N LEU B 26 3.81 27.38 -2.54
CA LEU B 26 5.04 26.99 -1.85
C LEU B 26 5.53 25.70 -2.46
N THR B 27 6.41 25.81 -3.45
CA THR B 27 6.90 24.60 -4.09
C THR B 27 7.95 23.93 -3.22
N LYS B 28 8.32 22.70 -3.62
CA LYS B 28 9.41 22.05 -2.91
C LYS B 28 10.71 22.82 -3.12
N ALA B 29 10.96 23.27 -4.35
CA ALA B 29 12.17 24.05 -4.62
C ALA B 29 12.28 25.20 -3.63
N LYS B 30 11.18 25.92 -3.42
CA LYS B 30 11.16 27.05 -2.50
C LYS B 30 11.20 26.59 -1.05
N ALA B 31 10.38 25.61 -0.70
CA ALA B 31 10.38 25.13 0.68
C ALA B 31 11.76 24.63 1.07
N ARG B 32 12.46 23.98 0.13
CA ARG B 32 13.82 23.49 0.41
C ARG B 32 14.79 24.64 0.57
N ALA B 33 14.56 25.75 -0.13
CA ALA B 33 15.37 26.95 0.07
C ALA B 33 15.25 27.46 1.50
N ILE B 34 14.01 27.70 1.96
CA ILE B 34 13.78 28.18 3.31
C ILE B 34 14.37 27.21 4.34
N LEU B 35 14.24 25.91 4.11
CA LEU B 35 14.60 24.93 5.14
C LEU B 35 16.10 24.85 5.41
N THR B 36 16.89 25.14 4.39
CA THR B 36 18.34 24.89 4.51
C THR B 36 19.12 26.15 4.82
N GLY B 37 18.48 27.30 4.73
CA GLY B 37 19.11 28.61 4.93
C GLY B 37 19.76 29.11 3.64
N LYS B 42 15.25 35.86 3.80
CA LYS B 42 14.04 35.69 4.60
C LYS B 42 14.20 34.46 5.46
N SER B 43 14.18 34.64 6.77
CA SER B 43 14.30 33.51 7.68
C SER B 43 12.97 33.32 8.41
N PRO B 44 12.48 32.08 8.51
CA PRO B 44 11.16 31.87 9.10
C PRO B 44 11.19 31.91 10.62
N PHE B 45 10.14 32.49 11.19
CA PHE B 45 9.97 32.46 12.63
C PHE B 45 9.82 31.02 13.09
N VAL B 46 10.57 30.63 14.12
CA VAL B 46 10.60 29.25 14.59
C VAL B 46 9.73 29.13 15.83
N ILE B 47 8.88 28.11 15.84
CA ILE B 47 8.06 27.76 17.00
C ILE B 47 8.65 26.47 17.55
N TYR B 48 9.33 26.58 18.69
CA TYR B 48 9.96 25.44 19.33
C TYR B 48 9.33 25.10 20.67
N ASP B 49 8.46 25.97 21.20
CA ASP B 49 7.92 25.78 22.53
C ASP B 49 6.70 26.69 22.69
N MET B 50 6.12 26.67 23.88
CA MET B 50 4.93 27.47 24.14
C MET B 50 5.19 28.95 23.92
N ASN B 51 6.31 29.46 24.44
CA ASN B 51 6.56 30.90 24.39
C ASN B 51 6.77 31.39 22.96
N SER B 52 7.53 30.64 22.17
CA SER B 52 7.69 30.98 20.74
C SER B 52 6.32 30.93 20.05
N LEU B 53 5.47 29.97 20.42
CA LEU B 53 4.13 29.89 19.79
C LEU B 53 3.37 31.19 20.04
N MET B 54 3.30 31.60 21.30
CA MET B 54 2.69 32.86 21.76
C MET B 54 3.10 34.03 20.85
N MET B 55 4.40 34.19 20.61
CA MET B 55 4.88 35.29 19.73
C MET B 55 4.53 35.03 18.27
N GLY B 56 4.31 33.77 17.87
CA GLY B 56 3.96 33.47 16.48
C GLY B 56 2.72 34.17 16.01
N GLU B 57 1.69 34.25 16.85
CA GLU B 57 0.44 34.91 16.48
C GLU B 57 0.68 36.35 16.02
N ASP B 58 1.27 37.15 16.89
CA ASP B 58 1.55 38.58 16.57
C ASP B 58 2.59 38.67 15.48
N LYS B 73 -9.13 29.19 23.33
CA LYS B 73 -9.01 27.75 23.65
C LYS B 73 -7.58 27.34 24.00
N GLU B 74 -7.48 26.10 24.44
CA GLU B 74 -6.23 25.40 24.77
C GLU B 74 -5.29 25.45 23.58
N VAL B 75 -4.03 25.56 23.91
CA VAL B 75 -2.94 25.56 22.94
C VAL B 75 -3.07 24.42 21.93
N ALA B 76 -3.24 23.19 22.42
CA ALA B 76 -3.17 22.04 21.52
C ALA B 76 -4.32 22.06 20.52
N ILE B 77 -5.46 22.60 20.90
CA ILE B 77 -6.61 22.53 20.00
C ILE B 77 -6.55 23.65 18.96
N ARG B 78 -6.08 24.84 19.34
CA ARG B 78 -5.94 25.89 18.34
C ARG B 78 -4.83 25.56 17.33
N ILE B 79 -3.82 24.78 17.73
CA ILE B 79 -2.85 24.30 16.75
C ILE B 79 -3.53 23.35 15.79
N PHE B 80 -4.20 22.33 16.32
CA PHE B 80 -4.93 21.37 15.51
C PHE B 80 -5.96 22.05 14.62
N GLN B 81 -6.78 22.93 15.20
CA GLN B 81 -7.75 23.69 14.43
C GLN B 81 -7.07 24.47 13.31
N GLY B 82 -5.96 25.16 13.63
CA GLY B 82 -5.25 25.89 12.59
C GLY B 82 -4.70 24.97 11.52
N CYS B 83 -4.32 23.75 11.90
CA CYS B 83 -3.91 22.76 10.92
C CYS B 83 -5.06 22.38 10.00
N GLN B 84 -6.27 22.34 10.55
CA GLN B 84 -7.47 22.08 9.76
C GLN B 84 -7.70 23.18 8.74
N PHE B 85 -7.67 24.44 9.17
CA PHE B 85 -7.79 25.57 8.26
C PHE B 85 -6.87 25.41 7.06
N ARG B 86 -5.59 25.14 7.33
CA ARG B 86 -4.64 25.00 6.24
C ARG B 86 -4.97 23.81 5.37
N SER B 87 -5.50 22.75 5.98
CA SER B 87 -5.88 21.56 5.23
C SER B 87 -6.94 21.87 4.20
N VAL B 88 -8.03 22.55 4.59
CA VAL B 88 -9.02 22.87 3.58
C VAL B 88 -8.45 23.87 2.59
N GLU B 89 -7.45 24.66 2.98
CA GLU B 89 -6.75 25.49 2.01
C GLU B 89 -6.03 24.64 0.98
N ALA B 90 -5.31 23.61 1.45
CA ALA B 90 -4.61 22.73 0.51
C ALA B 90 -5.59 22.02 -0.42
N VAL B 91 -6.75 21.62 0.09
CA VAL B 91 -7.69 20.91 -0.79
C VAL B 91 -8.01 21.73 -2.04
N GLN B 92 -8.21 23.04 -1.88
CA GLN B 92 -8.60 23.85 -3.03
C GLN B 92 -7.47 23.96 -4.05
N GLU B 93 -6.22 24.04 -3.58
CA GLU B 93 -5.14 24.05 -4.54
C GLU B 93 -5.04 22.72 -5.29
N ILE B 94 -5.28 21.61 -4.58
CA ILE B 94 -5.19 20.29 -5.20
C ILE B 94 -6.32 20.11 -6.21
N THR B 95 -7.52 20.58 -5.85
CA THR B 95 -8.66 20.49 -6.74
C THR B 95 -8.39 21.22 -8.04
N GLU B 96 -7.75 22.38 -7.96
CA GLU B 96 -7.48 23.13 -9.17
C GLU B 96 -6.37 22.47 -9.97
N TYR B 97 -5.36 21.93 -9.28
CA TYR B 97 -4.36 21.16 -9.99
C TYR B 97 -5.00 19.98 -10.72
N ALA B 98 -5.91 19.29 -10.05
CA ALA B 98 -6.53 18.12 -10.65
C ALA B 98 -7.24 18.48 -11.95
N LYS B 99 -7.94 19.61 -11.97
CA LYS B 99 -8.68 19.99 -13.17
C LYS B 99 -7.74 20.20 -14.35
N SER B 100 -6.47 20.50 -14.11
CA SER B 100 -5.53 20.62 -15.21
C SER B 100 -4.97 19.28 -15.71
N ILE B 101 -5.24 18.18 -15.04
CA ILE B 101 -4.71 16.91 -15.54
C ILE B 101 -5.49 16.50 -16.78
N PRO B 102 -4.84 16.33 -17.93
CA PRO B 102 -5.56 15.98 -19.15
C PRO B 102 -6.48 14.78 -18.96
N GLY B 103 -7.74 14.97 -19.36
CA GLY B 103 -8.76 13.97 -19.19
C GLY B 103 -9.56 14.09 -17.92
N PHE B 104 -9.03 14.77 -16.90
CA PHE B 104 -9.71 14.75 -15.60
C PHE B 104 -11.09 15.37 -15.69
N VAL B 105 -11.21 16.54 -16.32
CA VAL B 105 -12.53 17.17 -16.38
C VAL B 105 -13.47 16.43 -17.32
N ASN B 106 -12.92 15.68 -18.27
CA ASN B 106 -13.79 14.90 -19.14
C ASN B 106 -14.35 13.66 -18.47
N LEU B 107 -14.13 13.44 -17.20
CA LEU B 107 -14.66 12.29 -16.54
C LEU B 107 -16.00 12.62 -15.93
N ASP B 108 -16.82 11.63 -15.68
CA ASP B 108 -18.04 11.71 -14.96
C ASP B 108 -17.81 12.52 -13.66
N LEU B 109 -18.67 13.49 -13.50
CA LEU B 109 -18.47 14.47 -12.44
C LEU B 109 -18.46 13.81 -11.08
N ASN B 110 -19.32 12.81 -10.87
CA ASN B 110 -19.27 12.07 -9.61
C ASN B 110 -17.90 11.43 -9.42
N ASP B 111 -17.30 10.96 -10.52
CA ASP B 111 -16.00 10.31 -10.45
C ASP B 111 -14.93 11.33 -10.13
N GLN B 112 -15.00 12.53 -10.72
CA GLN B 112 -14.04 13.57 -10.33
C GLN B 112 -14.11 13.84 -8.84
N VAL B 113 -15.33 13.91 -8.30
CA VAL B 113 -15.51 14.22 -6.88
C VAL B 113 -15.01 13.08 -6.02
N THR B 114 -15.25 11.85 -6.46
CA THR B 114 -14.79 10.69 -5.71
C THR B 114 -13.27 10.64 -5.67
N LEU B 115 -12.64 10.90 -6.82
CA LEU B 115 -11.19 10.87 -6.93
C LEU B 115 -10.57 11.94 -6.05
N LEU B 116 -11.10 13.16 -6.08
CA LEU B 116 -10.64 14.19 -5.16
C LEU B 116 -10.88 13.78 -3.72
N LYS B 117 -12.03 13.25 -3.42
CA LYS B 117 -12.38 12.96 -2.09
C LYS B 117 -11.50 11.95 -1.36
N TYR B 118 -11.15 10.88 -2.08
CA TYR B 118 -10.30 9.82 -1.57
C TYR B 118 -8.89 9.99 -2.15
N GLY B 119 -8.55 11.20 -2.60
CA GLY B 119 -7.27 11.43 -3.14
C GLY B 119 -6.52 12.58 -2.46
N VAL B 120 -7.28 13.46 -1.84
CA VAL B 120 -6.77 14.65 -1.22
C VAL B 120 -5.87 14.40 -0.04
N HIS B 121 -6.25 13.50 0.82
CA HIS B 121 -5.41 13.22 1.98
C HIS B 121 -4.05 12.67 1.56
N GLU B 122 -4.03 11.76 0.58
CA GLU B 122 -2.76 11.24 0.09
C GLU B 122 -1.91 12.35 -0.53
N ILE B 123 -2.53 13.26 -1.28
CA ILE B 123 -1.75 14.35 -1.86
C ILE B 123 -1.30 15.32 -0.79
N ILE B 124 -2.16 15.61 0.18
CA ILE B 124 -1.79 16.57 1.19
C ILE B 124 -0.53 16.12 1.89
N TYR B 125 -0.50 14.86 2.31
CA TYR B 125 0.63 14.37 3.08
C TYR B 125 1.83 14.09 2.20
N THR B 126 1.61 13.78 0.92
CA THR B 126 2.72 13.75 -0.02
C THR B 126 3.39 15.11 -0.11
N MET B 127 2.59 16.16 -0.21
CA MET B 127 3.16 17.48 -0.44
C MET B 127 3.62 18.11 0.87
N LEU B 128 2.98 17.75 1.97
CA LEU B 128 3.46 18.18 3.27
C LEU B 128 4.92 17.75 3.48
N ALA B 129 5.33 16.63 2.88
CA ALA B 129 6.70 16.17 3.05
C ALA B 129 7.68 17.14 2.43
N SER B 130 7.28 17.83 1.35
CA SER B 130 8.11 18.88 0.79
C SER B 130 8.44 19.95 1.82
N LEU B 131 7.56 20.14 2.79
CA LEU B 131 7.65 21.23 3.74
C LEU B 131 8.26 20.81 5.06
N MET B 132 8.60 19.52 5.19
CA MET B 132 9.12 18.92 6.40
C MET B 132 10.57 18.51 6.24
N ASN B 133 11.28 18.54 7.36
CA ASN B 133 12.51 17.77 7.53
C ASN B 133 12.34 17.00 8.83
N LYS B 134 13.38 16.22 9.18
CA LYS B 134 13.32 15.41 10.39
C LYS B 134 13.09 16.26 11.64
N ASP B 135 13.28 17.58 11.57
CA ASP B 135 13.17 18.41 12.75
C ASP B 135 11.90 19.26 12.83
N GLY B 136 11.23 19.53 11.73
CA GLY B 136 9.97 20.24 11.80
C GLY B 136 9.42 20.54 10.42
N VAL B 137 8.40 21.42 10.39
CA VAL B 137 7.58 21.66 9.20
C VAL B 137 7.36 23.15 9.01
N LEU B 138 7.58 23.63 7.79
CA LEU B 138 7.25 24.99 7.41
C LEU B 138 5.76 25.23 7.56
N ILE B 139 5.39 26.35 8.18
CA ILE B 139 3.99 26.73 8.36
C ILE B 139 3.78 28.15 7.88
N SER B 140 2.50 28.54 7.83
CA SER B 140 1.99 29.77 7.23
C SER B 140 2.81 30.19 6.02
N GLU B 141 2.62 29.47 4.92
CA GLU B 141 3.22 29.83 3.64
C GLU B 141 4.73 29.99 3.74
N GLY B 142 5.35 29.21 4.62
CA GLY B 142 6.79 29.21 4.75
C GLY B 142 7.36 30.31 5.61
N GLN B 143 6.52 31.18 6.16
CA GLN B 143 6.96 32.23 7.06
C GLN B 143 7.25 31.72 8.46
N GLY B 144 6.96 30.46 8.73
CA GLY B 144 7.16 29.90 10.05
C GLY B 144 7.73 28.51 9.96
N PHE B 145 8.12 27.99 11.12
CA PHE B 145 8.69 26.64 11.22
C PHE B 145 8.28 26.09 12.58
N MET B 146 7.25 25.26 12.60
CA MET B 146 6.91 24.60 13.84
C MET B 146 7.79 23.38 13.97
N THR B 147 8.43 23.23 15.11
CA THR B 147 9.43 22.18 15.28
C THR B 147 8.72 20.86 15.55
N ARG B 148 9.38 19.77 15.17
CA ARG B 148 8.78 18.47 15.36
C ARG B 148 8.56 18.15 16.83
N GLU B 149 9.43 18.66 17.69
CA GLU B 149 9.38 18.27 19.10
C GLU B 149 8.30 19.04 19.85
N PHE B 150 8.08 20.29 19.47
CA PHE B 150 6.97 21.04 20.04
C PHE B 150 5.64 20.38 19.71
N LEU B 151 5.47 19.93 18.47
CA LEU B 151 4.27 19.19 18.07
C LEU B 151 4.13 17.89 18.86
N LYS B 152 5.21 17.09 18.90
CA LYS B 152 5.21 15.89 19.72
C LYS B 152 4.89 16.20 21.18
N SER B 153 5.30 17.37 21.67
CA SER B 153 5.11 17.72 23.07
C SER B 153 3.68 18.13 23.40
N LEU B 154 2.75 18.05 22.45
CA LEU B 154 1.41 18.44 22.73
C LEU B 154 0.65 17.38 23.50
N ARG B 155 -0.27 17.81 24.35
CA ARG B 155 -1.07 16.85 25.12
C ARG B 155 -1.86 15.90 24.23
N LYS B 156 -2.05 14.67 24.72
CA LYS B 156 -2.79 13.64 24.04
C LYS B 156 -4.18 14.04 23.72
N PRO B 157 -4.68 13.65 22.56
CA PRO B 157 -4.16 12.88 21.44
C PRO B 157 -3.46 13.71 20.39
N PHE B 158 -3.29 14.98 20.65
CA PHE B 158 -2.64 15.90 19.73
C PHE B 158 -1.15 15.75 19.48
N GLY B 159 -0.39 15.29 20.44
CA GLY B 159 1.04 15.14 20.26
C GLY B 159 1.42 14.11 19.22
N ASP B 160 0.55 13.13 18.99
CA ASP B 160 0.81 12.04 18.05
C ASP B 160 0.29 12.35 16.65
N PHE B 161 -0.21 13.56 16.39
CA PHE B 161 -0.92 13.78 15.14
C PHE B 161 0.03 13.94 13.95
N MET B 162 1.05 14.80 14.07
CA MET B 162 1.93 15.04 12.93
C MET B 162 3.06 14.03 12.82
N GLU B 163 3.41 13.37 13.93
CA GLU B 163 4.54 12.44 13.94
C GLU B 163 4.47 11.39 12.84
N PRO B 164 3.35 10.71 12.59
CA PRO B 164 3.34 9.76 11.48
C PRO B 164 3.63 10.40 10.13
N LYS B 165 3.16 11.63 9.93
CA LYS B 165 3.51 12.36 8.72
C LYS B 165 4.99 12.72 8.70
N PHE B 166 5.57 13.06 9.85
CA PHE B 166 7.01 13.27 9.92
C PHE B 166 7.73 11.99 9.56
N GLU B 167 7.26 10.86 10.06
CA GLU B 167 7.94 9.61 9.75
C GLU B 167 7.88 9.33 8.26
N PHE B 168 6.69 9.46 7.66
CA PHE B 168 6.56 9.31 6.23
C PHE B 168 7.50 10.26 5.49
N ALA B 169 7.47 11.54 5.87
CA ALA B 169 8.20 12.56 5.12
C ALA B 169 9.69 12.25 5.06
N VAL B 170 10.27 11.89 6.21
CA VAL B 170 11.69 11.48 6.24
C VAL B 170 11.94 10.41 5.18
N LYS B 171 11.18 9.32 5.25
CA LYS B 171 11.35 8.26 4.27
C LYS B 171 11.05 8.77 2.86
N PHE B 172 9.99 9.57 2.70
CA PHE B 172 9.63 10.01 1.36
C PHE B 172 10.68 10.95 0.76
N ASN B 173 11.15 11.90 1.55
CA ASN B 173 12.15 12.84 1.07
C ASN B 173 13.49 12.18 0.75
N ALA B 174 13.78 11.03 1.35
CA ALA B 174 15.01 10.32 1.01
C ALA B 174 15.08 9.96 -0.46
N LEU B 175 13.93 9.99 -1.16
CA LEU B 175 13.93 9.80 -2.60
C LEU B 175 14.37 11.05 -3.35
N GLU B 176 14.38 12.21 -2.70
CA GLU B 176 14.85 13.45 -3.33
C GLU B 176 14.14 13.73 -4.66
N LEU B 177 12.82 13.64 -4.67
CA LEU B 177 12.07 14.07 -5.84
C LEU B 177 12.11 15.60 -5.95
N ASP B 178 11.99 16.11 -7.16
CA ASP B 178 11.74 17.54 -7.30
C ASP B 178 10.30 17.76 -7.75
N ASP B 179 9.91 19.04 -7.78
CA ASP B 179 8.55 19.43 -8.13
C ASP B 179 8.13 18.84 -9.47
N SER B 180 9.05 18.74 -10.42
CA SER B 180 8.64 18.21 -11.71
C SER B 180 8.36 16.71 -11.64
N ASP B 181 8.95 16.01 -10.64
CA ASP B 181 8.58 14.64 -10.32
C ASP B 181 7.25 14.58 -9.58
N LEU B 182 7.14 15.35 -8.49
CA LEU B 182 5.94 15.36 -7.67
C LEU B 182 4.70 15.68 -8.49
N ALA B 183 4.83 16.57 -9.48
CA ALA B 183 3.66 16.98 -10.27
C ALA B 183 3.02 15.78 -10.94
N ILE B 184 3.84 14.88 -11.51
CA ILE B 184 3.28 13.69 -12.11
C ILE B 184 2.86 12.69 -11.04
N PHE B 185 3.67 12.54 -9.99
CA PHE B 185 3.29 11.64 -8.92
C PHE B 185 1.91 11.99 -8.36
N ILE B 186 1.66 13.26 -8.03
CA ILE B 186 0.37 13.51 -7.41
C ILE B 186 -0.77 13.33 -8.40
N ALA B 187 -0.50 13.52 -9.69
CA ALA B 187 -1.50 13.22 -10.71
C ALA B 187 -1.83 11.74 -10.74
N VAL B 188 -0.81 10.88 -10.67
CA VAL B 188 -1.03 9.44 -10.58
C VAL B 188 -1.95 9.13 -9.41
N ILE B 189 -1.62 9.70 -8.24
CA ILE B 189 -2.44 9.48 -7.04
C ILE B 189 -3.88 9.89 -7.30
N ILE B 190 -4.09 11.01 -8.01
CA ILE B 190 -5.45 11.49 -8.17
C ILE B 190 -6.23 10.53 -9.02
N LEU B 191 -5.62 10.04 -10.09
CA LEU B 191 -6.23 9.14 -11.06
C LEU B 191 -6.13 7.68 -10.60
N SER B 192 -6.58 7.42 -9.38
CA SER B 192 -6.58 6.10 -8.80
C SER B 192 -7.91 5.41 -9.12
N GLY B 193 -7.87 4.44 -10.03
CA GLY B 193 -9.05 3.73 -10.43
C GLY B 193 -9.63 2.83 -9.36
N ASP B 194 -9.00 2.73 -8.21
CA ASP B 194 -9.50 1.85 -7.18
C ASP B 194 -10.22 2.58 -6.06
N ARG B 195 -10.54 3.86 -6.24
CA ARG B 195 -11.32 4.54 -5.21
C ARG B 195 -12.70 3.90 -5.15
N PRO B 196 -13.30 3.87 -3.97
CA PRO B 196 -14.65 3.29 -3.87
C PRO B 196 -15.68 4.17 -4.55
N GLY B 197 -16.66 3.53 -5.17
CA GLY B 197 -17.81 4.22 -5.71
C GLY B 197 -17.62 4.79 -7.08
N LEU B 198 -16.45 4.61 -7.69
CA LEU B 198 -16.23 5.15 -9.03
C LEU B 198 -17.13 4.46 -10.04
N LEU B 199 -17.68 5.24 -10.96
CA LEU B 199 -18.67 4.71 -11.89
C LEU B 199 -18.09 4.25 -13.22
N ASN B 200 -17.01 4.88 -13.71
CA ASN B 200 -16.38 4.51 -14.96
C ASN B 200 -14.86 4.44 -14.73
N VAL B 201 -14.38 3.29 -14.25
CA VAL B 201 -12.96 3.15 -13.92
C VAL B 201 -12.05 3.24 -15.15
N LYS B 202 -12.56 2.93 -16.35
CA LYS B 202 -11.69 2.79 -17.52
C LYS B 202 -10.96 4.06 -17.89
N PRO B 203 -11.63 5.21 -18.13
CA PRO B 203 -10.87 6.41 -18.52
C PRO B 203 -9.94 6.87 -17.43
N ILE B 204 -10.24 6.54 -16.18
CA ILE B 204 -9.33 6.84 -15.09
C ILE B 204 -8.01 6.07 -15.25
N GLU B 205 -8.11 4.74 -15.31
CA GLU B 205 -6.89 3.94 -15.44
C GLU B 205 -6.20 4.20 -16.77
N ASP B 206 -6.97 4.47 -17.82
CA ASP B 206 -6.35 4.92 -19.05
C ASP B 206 -5.50 6.16 -18.81
N ILE B 207 -6.03 7.14 -18.07
CA ILE B 207 -5.22 8.33 -17.80
C ILE B 207 -4.06 7.99 -16.87
N GLN B 208 -4.35 7.30 -15.76
CA GLN B 208 -3.25 6.97 -14.86
C GLN B 208 -2.17 6.17 -15.58
N ASP B 209 -2.57 5.26 -16.47
CA ASP B 209 -1.58 4.54 -17.28
C ASP B 209 -0.65 5.52 -17.99
N ASN B 210 -1.24 6.50 -18.67
CA ASN B 210 -0.47 7.52 -19.35
C ASN B 210 0.37 8.36 -18.38
N LEU B 211 -0.21 8.75 -17.25
CA LEU B 211 0.56 9.50 -16.26
C LEU B 211 1.72 8.67 -15.74
N LEU B 212 1.48 7.37 -15.49
CA LEU B 212 2.54 6.49 -15.01
C LEU B 212 3.66 6.38 -16.03
N GLN B 213 3.31 6.33 -17.32
CA GLN B 213 4.33 6.38 -18.38
C GLN B 213 5.09 7.70 -18.32
N ALA B 214 4.36 8.79 -18.14
CA ALA B 214 5.02 10.09 -18.05
C ALA B 214 5.94 10.13 -16.84
N LEU B 215 5.48 9.56 -15.74
CA LEU B 215 6.27 9.61 -14.52
C LEU B 215 7.52 8.75 -14.66
N GLU B 216 7.36 7.58 -15.28
CA GLU B 216 8.48 6.66 -15.49
C GLU B 216 9.60 7.35 -16.26
N LEU B 217 9.26 7.85 -17.46
CA LEU B 217 10.22 8.57 -18.29
C LEU B 217 10.85 9.72 -17.53
N GLN B 218 10.02 10.53 -16.86
CA GLN B 218 10.52 11.67 -16.09
C GLN B 218 11.59 11.25 -15.10
N LEU B 219 11.29 10.25 -14.27
CA LEU B 219 12.24 9.81 -13.27
C LEU B 219 13.50 9.23 -13.91
N LYS B 220 13.37 8.58 -15.07
CA LYS B 220 14.55 8.04 -15.73
C LYS B 220 15.42 9.13 -16.33
N LEU B 221 14.83 10.22 -16.83
CA LEU B 221 15.59 11.36 -17.34
C LEU B 221 16.06 12.32 -16.26
N ASN B 222 15.28 12.47 -15.19
CA ASN B 222 15.67 13.41 -14.14
C ASN B 222 16.59 12.78 -13.11
N HIS B 223 16.49 11.48 -12.90
CA HIS B 223 17.35 10.76 -11.96
C HIS B 223 17.83 9.49 -12.64
N PRO B 224 18.68 9.62 -13.66
CA PRO B 224 19.17 8.42 -14.36
C PRO B 224 19.93 7.49 -13.44
N GLU B 225 20.52 8.02 -12.38
CA GLU B 225 21.34 7.28 -11.44
C GLU B 225 20.56 6.71 -10.27
N SER B 226 19.26 6.98 -10.19
CA SER B 226 18.43 6.49 -9.09
C SER B 226 17.75 5.22 -9.60
N SER B 227 18.38 4.08 -9.33
CA SER B 227 17.90 2.83 -9.90
C SER B 227 16.53 2.49 -9.34
N GLN B 228 15.57 2.24 -10.23
CA GLN B 228 14.24 1.76 -9.87
C GLN B 228 13.50 2.75 -8.97
N LEU B 229 13.73 4.05 -9.21
CA LEU B 229 13.06 5.09 -8.45
C LEU B 229 11.54 5.05 -8.65
N PHE B 230 11.12 4.91 -9.90
CA PHE B 230 9.72 4.65 -10.22
C PHE B 230 9.09 3.66 -9.26
N ALA B 231 9.61 2.43 -9.27
CA ALA B 231 9.12 1.39 -8.38
C ALA B 231 9.13 1.86 -6.94
N LYS B 232 10.22 2.49 -6.52
CA LYS B 232 10.31 2.85 -5.11
C LYS B 232 9.33 3.96 -4.76
N LEU B 233 9.02 4.82 -5.72
CA LEU B 233 8.00 5.82 -5.48
C LEU B 233 6.62 5.17 -5.37
N LEU B 234 6.30 4.27 -6.29
CA LEU B 234 5.01 3.59 -6.23
C LEU B 234 4.83 2.87 -4.89
N GLN B 235 5.89 2.28 -4.36
CA GLN B 235 5.78 1.52 -3.11
C GLN B 235 5.47 2.43 -1.94
N LYS B 236 5.85 3.71 -2.03
CA LYS B 236 5.48 4.68 -1.01
C LYS B 236 3.97 4.91 -0.95
N MET B 237 3.23 4.63 -2.04
CA MET B 237 1.78 4.64 -1.94
C MET B 237 1.31 3.79 -0.77
N THR B 238 2.04 2.73 -0.47
CA THR B 238 1.64 1.86 0.63
C THR B 238 1.73 2.60 1.97
N ASP B 239 2.87 3.24 2.22
CA ASP B 239 3.00 4.04 3.44
C ASP B 239 2.05 5.22 3.46
N LEU B 240 1.79 5.85 2.31
CA LEU B 240 0.84 6.95 2.26
C LEU B 240 -0.52 6.51 2.77
N ARG B 241 -1.09 5.48 2.15
CA ARG B 241 -2.42 5.04 2.48
C ARG B 241 -2.54 4.63 3.94
N GLN B 242 -1.49 4.00 4.48
CA GLN B 242 -1.54 3.67 5.90
C GLN B 242 -1.52 4.93 6.75
N ILE B 243 -0.71 5.91 6.35
CA ILE B 243 -0.73 7.23 6.98
C ILE B 243 -2.16 7.78 6.99
N VAL B 244 -2.82 7.75 5.82
CA VAL B 244 -4.16 8.31 5.72
C VAL B 244 -5.14 7.51 6.54
N THR B 245 -5.06 6.18 6.45
CA THR B 245 -5.91 5.32 7.26
C THR B 245 -5.76 5.60 8.75
N GLU B 246 -4.53 5.79 9.24
CA GLU B 246 -4.35 6.09 10.66
C GLU B 246 -4.72 7.53 10.98
N HIS B 247 -4.59 8.42 10.00
CA HIS B 247 -5.04 9.79 10.17
C HIS B 247 -6.55 9.82 10.43
N VAL B 248 -7.31 9.15 9.56
CA VAL B 248 -8.76 9.07 9.72
C VAL B 248 -9.13 8.61 11.11
N GLN B 249 -8.46 7.54 11.56
CA GLN B 249 -8.74 6.97 12.88
C GLN B 249 -8.54 7.99 13.98
N LEU B 250 -7.36 8.62 14.03
CA LEU B 250 -7.09 9.60 15.08
C LEU B 250 -8.14 10.70 15.10
N LEU B 251 -8.62 11.11 13.91
CA LEU B 251 -9.65 12.14 13.84
C LEU B 251 -10.91 11.68 14.56
N GLN B 252 -11.30 10.42 14.38
CA GLN B 252 -12.48 9.94 15.08
C GLN B 252 -12.28 10.02 16.58
N VAL B 253 -11.05 9.75 17.02
CA VAL B 253 -10.77 9.87 18.47
C VAL B 253 -10.93 11.32 18.91
N ILE B 254 -10.40 12.26 18.13
CA ILE B 254 -10.50 13.70 18.48
C ILE B 254 -11.98 14.09 18.41
N LYS B 255 -12.65 13.61 17.38
CA LYS B 255 -14.09 13.89 17.21
C LYS B 255 -14.84 13.42 18.44
N LYS B 256 -14.66 12.18 18.86
CA LYS B 256 -15.50 11.76 20.02
C LYS B 256 -14.96 12.25 21.36
N THR B 257 -13.78 12.85 21.45
CA THR B 257 -13.26 13.12 22.80
C THR B 257 -12.84 14.56 23.05
N GLU B 258 -12.26 15.21 22.05
CA GLU B 258 -11.81 16.59 22.18
C GLU B 258 -12.49 17.49 21.15
N HIS B 264 -20.37 28.22 16.92
CA HIS B 264 -19.56 27.21 16.25
C HIS B 264 -20.11 26.59 14.93
N PRO B 265 -21.43 26.41 14.79
CA PRO B 265 -21.90 25.40 13.82
C PRO B 265 -21.52 25.70 12.37
N LEU B 266 -21.45 26.97 12.00
CA LEU B 266 -20.93 27.32 10.68
C LEU B 266 -19.49 26.86 10.52
N LEU B 267 -18.71 26.87 11.61
CA LEU B 267 -17.34 26.40 11.55
C LEU B 267 -17.28 24.89 11.30
N GLN B 268 -18.11 24.12 12.00
CA GLN B 268 -18.10 22.68 11.79
C GLN B 268 -18.49 22.34 10.35
N GLU B 269 -19.41 23.11 9.77
CA GLU B 269 -19.74 22.91 8.35
C GLU B 269 -18.53 23.19 7.49
N ILE B 270 -17.77 24.21 7.83
CA ILE B 270 -16.56 24.52 7.07
C ILE B 270 -15.58 23.36 7.17
N TYR B 271 -15.07 23.08 8.35
CA TYR B 271 -14.07 22.02 8.44
C TYR B 271 -14.65 20.61 8.35
N LYS B 272 -15.70 20.41 7.54
CA LYS B 272 -16.23 19.08 7.30
C LYS B 272 -15.11 18.15 6.85
N ASP B 273 -15.01 17.01 7.51
CA ASP B 273 -13.83 16.16 7.40
C ASP B 273 -13.72 15.61 5.98
C13 XZK C . -5.94 -18.18 7.54
C15 XZK C . -5.48 -17.23 9.70
C17 XZK C . -7.46 -18.55 9.32
C01 XZK C . -4.47 -21.94 2.86
C02 XZK C . -4.98 -21.46 4.10
C03 XZK C . -4.65 -20.17 4.51
C04 XZK C . -3.83 -19.34 3.75
C05 XZK C . -3.32 -19.83 2.50
C06 XZK C . -3.66 -21.10 2.09
C07 XZK C . -3.12 -21.65 0.75
C11 XZK C . -5.47 -18.39 6.11
C14 XZK C . -5.11 -17.42 8.38
C16 XZK C . -6.62 -17.76 10.19
C18 XZK C . -7.09 -18.74 8.00
N09 XZK C . -2.28 -20.78 -0.10
N10 XZK C . -5.16 -19.74 5.77
N20 XZK C . -4.59 -16.43 10.53
O08 XZK C . -3.39 -22.72 0.44
O12 XZK C . -5.31 -17.46 5.34
O21 XZK C . -5.00 -16.04 11.86
O22 XZK C . -3.26 -16.07 10.00
C1 KNA D . -9.80 -21.46 3.80
O1 KNA D . -9.11 -20.94 2.89
C2 KNA D . -9.14 -22.45 4.75
O2 KNA D . -11.01 -21.16 3.94
C3 KNA D . -10.10 -23.54 5.15
C4 KNA D . -9.28 -24.80 5.45
C5 KNA D . -9.30 -25.71 4.22
C6 KNA D . -7.91 -25.92 3.62
C7 KNA D . -7.24 -24.64 3.13
C8 KNA D . -6.32 -24.86 1.95
C9 KNA D . -6.40 -23.68 0.96
C13 XZK E . -4.23 18.66 9.06
C15 XZK E . -6.41 17.69 9.45
C17 XZK E . -5.28 18.95 11.16
C01 XZK E . -0.51 22.60 6.05
C02 XZK E . -1.39 22.01 7.01
C03 XZK E . -2.10 20.85 6.66
C04 XZK E . -1.98 20.30 5.41
C05 XZK E . -1.10 20.90 4.44
C06 XZK E . -0.38 22.03 4.78
C07 XZK E . 0.55 22.72 3.76
C11 XZK E . -3.06 18.94 8.07
C14 XZK E . -5.34 17.92 8.60
C16 XZK E . -6.39 18.18 10.69
C18 XZK E . -4.21 19.18 10.31
N09 XZK E . 0.80 22.14 2.43
N10 XZK E . -3.02 20.27 7.61
N20 XZK E . -7.55 16.91 8.98
O08 XZK E . 1.01 23.72 4.08
O12 XZK E . -2.28 18.08 7.72
O21 XZK E . -8.70 16.80 9.83
O22 XZK E . -7.49 16.29 7.63
C1 KNA F . 0.48 22.71 11.26
O1 KNA F . 0.88 21.74 11.96
C2 KNA F . 0.07 24.03 11.91
O2 KNA F . 0.41 22.57 10.02
C3 KNA F . -0.83 24.80 10.94
C4 KNA F . -0.47 26.28 10.81
C5 KNA F . -0.02 26.63 9.38
C6 KNA F . 0.35 25.37 8.57
C7 KNA F . 0.94 25.61 7.17
C8 KNA F . 0.29 26.77 6.42
C9 KNA F . 0.80 26.90 4.99
#